data_1P7W
#
_entry.id   1P7W
#
_cell.length_a   67.835
_cell.length_b   67.835
_cell.length_c   101.563
_cell.angle_alpha   90.00
_cell.angle_beta   90.00
_cell.angle_gamma   90.00
#
_symmetry.space_group_name_H-M   'P 43 21 2'
#
loop_
_entity.id
_entity.type
_entity.pdbx_description
1 polymer 'proteinase K'
2 polymer 'inhibitor peptide'
3 non-polymer 'CALCIUM ION'
4 non-polymer 'NITRATE ION'
5 water water
#
loop_
_entity_poly.entity_id
_entity_poly.type
_entity_poly.pdbx_seq_one_letter_code
_entity_poly.pdbx_strand_id
1 'polypeptide(L)'
;AAQTNAPWGLARISSTSPGTSTYYYDESAGQGSCVYVIDTGIEASHPEFEGRAQMVKTYYYSSRDGNGHGTHCAGTVGSR
TYGVAKKTQLFGVKVLDDNGSGQYSTIIAGMDFVASDKNNRNCPKGVVASLSLGGGYSSSVNSAAARLQSSGVMVAVAAG
NNNADARNYSPASEPSVCTVGASDRYDRRSSFSNYGSVLDIFGPGTDILSTWIGGSTRSISGTSMATPHVAGLAAYLMTL
GKTTAASACRYIADTANKGDLSNIPFGTVNLLAYNNYQA
;
A
2 'polypeptide(L)' PAPFASA B
#
# COMPACT_ATOMS: atom_id res chain seq x y z
N ALA A 1 20.34 1.00 -8.23
CA ALA A 1 20.76 0.69 -6.83
C ALA A 1 20.37 -0.73 -6.50
N ALA A 2 21.13 -1.34 -5.59
CA ALA A 2 20.91 -2.71 -5.16
C ALA A 2 20.96 -2.75 -3.63
N GLN A 3 19.93 -3.33 -3.03
CA GLN A 3 19.86 -3.59 -1.61
C GLN A 3 19.97 -5.09 -1.40
N THR A 4 21.10 -5.55 -0.89
CA THR A 4 21.28 -6.96 -0.64
C THR A 4 20.48 -7.42 0.58
N ASN A 5 20.11 -8.69 0.57
CA ASN A 5 19.35 -9.31 1.65
C ASN A 5 18.15 -8.48 2.03
N ALA A 6 17.43 -8.05 1.00
CA ALA A 6 16.20 -7.31 1.18
C ALA A 6 15.07 -8.25 1.59
N PRO A 7 14.01 -7.72 2.21
CA PRO A 7 12.82 -8.54 2.42
C PRO A 7 12.38 -9.15 1.07
N TRP A 8 11.87 -10.37 1.13
CA TRP A 8 11.57 -11.08 -0.11
C TRP A 8 10.65 -10.26 -1.01
N GLY A 9 9.71 -9.54 -0.44
CA GLY A 9 8.74 -8.82 -1.26
C GLY A 9 9.36 -7.70 -2.07
N LEU A 10 10.34 -7.01 -1.48
CA LEU A 10 11.07 -5.99 -2.24
C LEU A 10 11.83 -6.66 -3.39
N ALA A 11 12.55 -7.74 -3.09
CA ALA A 11 13.25 -8.45 -4.16
C ALA A 11 12.25 -8.90 -5.23
N ARG A 12 11.07 -9.33 -4.82
CA ARG A 12 10.10 -9.83 -5.78
C ARG A 12 9.64 -8.73 -6.73
N ILE A 13 9.40 -7.53 -6.20
CA ILE A 13 8.91 -6.39 -6.96
C ILE A 13 9.88 -5.95 -8.03
N SER A 14 11.18 -6.26 -7.90
CA SER A 14 12.14 -5.90 -8.92
C SER A 14 12.68 -7.09 -9.71
N SER A 15 11.95 -8.21 -9.68
CA SER A 15 12.41 -9.42 -10.33
C SER A 15 11.37 -10.00 -11.27
N THR A 16 11.84 -10.59 -12.37
CA THR A 16 10.96 -11.40 -13.19
C THR A 16 10.63 -12.74 -12.53
N SER A 17 11.44 -13.15 -11.54
CA SER A 17 11.37 -14.49 -10.98
C SER A 17 11.30 -14.47 -9.46
N PRO A 18 10.61 -15.44 -8.87
CA PRO A 18 10.69 -15.63 -7.43
C PRO A 18 12.05 -16.19 -7.04
N GLY A 19 12.35 -16.13 -5.75
CA GLY A 19 13.50 -16.84 -5.22
C GLY A 19 14.79 -16.06 -5.18
N THR A 20 14.71 -14.73 -5.30
CA THR A 20 15.91 -13.90 -5.17
C THR A 20 15.77 -12.99 -3.96
N SER A 21 16.86 -12.34 -3.59
CA SER A 21 16.91 -11.63 -2.32
C SER A 21 17.50 -10.23 -2.39
N THR A 22 17.76 -9.72 -3.59
CA THR A 22 18.27 -8.36 -3.75
C THR A 22 17.18 -7.52 -4.38
N TYR A 23 16.96 -6.33 -3.84
CA TYR A 23 16.03 -5.36 -4.41
C TYR A 23 16.80 -4.37 -5.27
N TYR A 24 16.38 -4.24 -6.52
CA TYR A 24 17.01 -3.33 -7.47
C TYR A 24 16.04 -2.21 -7.80
N TYR A 25 16.52 -0.97 -7.76
CA TYR A 25 15.64 0.16 -8.01
C TYR A 25 16.46 1.38 -8.41
N ASP A 26 15.81 2.27 -9.15
CA ASP A 26 16.42 3.54 -9.49
C ASP A 26 16.61 4.38 -8.23
N GLU A 27 17.80 4.95 -8.08
CA GLU A 27 18.17 5.69 -6.88
C GLU A 27 17.27 6.89 -6.58
N SER A 28 16.51 7.39 -7.56
CA SER A 28 15.56 8.45 -7.28
C SER A 28 14.61 8.07 -6.15
N ALA A 29 14.21 6.80 -6.08
CA ALA A 29 13.60 6.21 -4.90
C ALA A 29 12.34 6.94 -4.42
N GLY A 30 11.55 7.48 -5.34
CA GLY A 30 10.36 8.18 -4.93
C GLY A 30 10.57 9.57 -4.36
N GLN A 31 11.76 10.12 -4.47
CA GLN A 31 11.98 11.48 -3.96
C GLN A 31 11.02 12.43 -4.68
N GLY A 32 10.46 13.36 -3.92
CA GLY A 32 9.55 14.34 -4.47
C GLY A 32 8.10 13.90 -4.58
N SER A 33 7.83 12.64 -4.27
CA SER A 33 6.48 12.13 -4.16
C SER A 33 6.04 12.12 -2.70
N CYS A 34 4.75 11.88 -2.50
CA CYS A 34 4.19 11.77 -1.15
C CYS A 34 3.24 10.59 -1.10
N VAL A 35 3.27 9.87 0.01
CA VAL A 35 2.34 8.78 0.22
C VAL A 35 1.68 8.97 1.58
N TYR A 36 0.35 9.07 1.55
CA TYR A 36 -0.48 9.06 2.73
C TYR A 36 -0.78 7.63 3.13
N VAL A 37 -0.54 7.29 4.39
CA VAL A 37 -0.86 5.97 4.92
C VAL A 37 -2.04 6.18 5.87
N ILE A 38 -3.20 5.73 5.44
CA ILE A 38 -4.47 6.00 6.14
C ILE A 38 -4.74 4.74 6.95
N ASP A 39 -4.51 4.80 8.27
CA ASP A 39 -4.33 3.56 9.03
C ASP A 39 -4.38 3.87 10.53
N THR A 40 -3.61 3.12 11.33
CA THR A 40 -3.56 3.33 12.77
C THR A 40 -2.56 4.41 13.18
N GLY A 41 -1.94 5.10 12.22
CA GLY A 41 -0.89 6.05 12.50
C GLY A 41 0.46 5.53 12.01
N ILE A 42 1.49 6.34 12.25
CA ILE A 42 2.87 6.01 11.91
C ILE A 42 3.74 6.48 13.06
N GLU A 43 4.61 5.60 13.54
CA GLU A 43 5.62 6.00 14.52
C GLU A 43 6.74 6.73 13.77
N ALA A 44 6.55 8.04 13.61
CA ALA A 44 7.43 8.85 12.78
C ALA A 44 8.85 8.91 13.33
N SER A 45 9.01 8.70 14.63
CA SER A 45 10.32 8.74 15.25
C SER A 45 11.17 7.51 14.92
N HIS A 46 10.59 6.49 14.31
CA HIS A 46 11.34 5.28 14.00
C HIS A 46 12.55 5.65 13.14
N PRO A 47 13.76 5.23 13.52
CA PRO A 47 14.93 5.53 12.70
C PRO A 47 14.80 5.15 11.24
N GLU A 48 14.03 4.12 10.95
CA GLU A 48 13.82 3.68 9.59
C GLU A 48 13.18 4.72 8.68
N PHE A 49 12.49 5.71 9.24
CA PHE A 49 11.86 6.73 8.42
C PHE A 49 12.74 7.94 8.17
N GLU A 50 13.82 8.10 8.92
CA GLU A 50 14.83 9.12 8.61
C GLU A 50 14.25 10.53 8.56
N GLY A 51 13.24 10.79 9.38
CA GLY A 51 12.61 12.10 9.39
C GLY A 51 11.66 12.38 8.24
N ARG A 52 11.45 11.41 7.36
CA ARG A 52 10.58 11.58 6.20
C ARG A 52 9.12 11.24 6.46
N ALA A 53 8.80 10.80 7.68
CA ALA A 53 7.41 10.55 8.04
C ALA A 53 6.90 11.60 9.02
N GLN A 54 5.63 11.89 8.93
CA GLN A 54 4.98 12.74 9.93
C GLN A 54 3.51 12.39 10.01
N MET A 55 2.95 12.53 11.19
CA MET A 55 1.51 12.48 11.36
C MET A 55 0.91 13.82 10.95
N VAL A 56 -0.19 13.78 10.21
CA VAL A 56 -0.89 14.99 9.80
C VAL A 56 -2.33 15.06 10.28
N LYS A 57 -2.91 13.95 10.74
CA LYS A 57 -4.30 13.96 11.17
C LYS A 57 -4.58 12.74 12.02
N THR A 58 -5.37 12.94 13.06
CA THR A 58 -5.95 11.86 13.83
C THR A 58 -7.38 12.21 14.19
N TYR A 59 -8.19 11.17 14.40
CA TYR A 59 -9.56 11.32 14.85
C TYR A 59 -9.73 10.83 16.28
N TYR A 60 -8.62 10.53 16.94
CA TYR A 60 -8.63 9.93 18.27
C TYR A 60 -7.83 10.77 19.23
N TYR A 61 -7.78 10.34 20.49
CA TYR A 61 -7.18 11.16 21.52
C TYR A 61 -5.75 11.53 21.15
N SER A 62 -5.05 10.63 20.42
CA SER A 62 -3.63 10.79 20.08
C SER A 62 -3.41 10.48 18.61
N SER A 63 -2.31 10.99 18.10
CA SER A 63 -1.86 10.63 16.76
C SER A 63 -0.88 9.46 16.78
N ARG A 64 -0.52 8.99 17.98
CA ARG A 64 0.40 7.88 18.11
C ARG A 64 -0.21 6.59 17.55
N ASP A 65 0.61 5.84 16.83
CA ASP A 65 0.28 4.47 16.49
C ASP A 65 0.50 3.57 17.70
N GLY A 66 -0.59 3.23 18.38
CA GLY A 66 -0.53 2.33 19.51
C GLY A 66 -0.76 0.88 19.12
N ASN A 67 -0.82 0.62 17.82
CA ASN A 67 -1.08 -0.72 17.32
C ASN A 67 0.15 -1.34 16.65
N GLY A 68 0.69 -0.65 15.65
CA GLY A 68 1.80 -1.13 14.85
C GLY A 68 1.46 -1.30 13.40
N HIS A 69 0.19 -1.61 13.10
CA HIS A 69 -0.20 -1.93 11.73
C HIS A 69 0.16 -0.80 10.77
N GLY A 70 -0.20 0.44 11.13
CA GLY A 70 0.07 1.57 10.25
C GLY A 70 1.55 1.81 10.07
N THR A 71 2.32 1.63 11.14
CA THR A 71 3.77 1.75 11.07
C THR A 71 4.36 0.71 10.14
N HIS A 72 3.84 -0.52 10.19
CA HIS A 72 4.33 -1.59 9.33
C HIS A 72 4.05 -1.26 7.86
N CYS A 73 2.83 -0.85 7.57
CA CYS A 73 2.45 -0.49 6.21
C CYS A 73 3.31 0.68 5.72
N ALA A 74 3.46 1.72 6.54
CA ALA A 74 4.30 2.84 6.16
C ALA A 74 5.73 2.41 5.88
N GLY A 75 6.23 1.45 6.66
CA GLY A 75 7.55 0.94 6.43
C GLY A 75 7.71 0.27 5.08
N THR A 76 6.67 -0.44 4.65
CA THR A 76 6.73 -1.09 3.34
C THR A 76 6.67 -0.06 2.22
N VAL A 77 5.92 1.03 2.43
CA VAL A 77 5.93 2.08 1.43
C VAL A 77 7.32 2.71 1.29
N GLY A 78 7.90 3.12 2.43
CA GLY A 78 8.94 4.11 2.39
C GLY A 78 10.04 4.06 3.42
N SER A 79 10.16 3.03 4.24
CA SER A 79 11.30 2.97 5.16
C SER A 79 12.60 2.70 4.38
N ARG A 80 13.71 3.06 4.99
CA ARG A 80 15.00 2.90 4.34
C ARG A 80 15.32 1.43 4.03
N THR A 81 15.05 0.52 4.96
CA THR A 81 15.36 -0.88 4.76
C THR A 81 14.19 -1.65 4.16
N TYR A 82 12.99 -1.37 4.64
CA TYR A 82 11.85 -2.24 4.34
C TYR A 82 10.95 -1.66 3.26
N GLY A 83 11.29 -0.47 2.73
CA GLY A 83 10.40 0.23 1.83
C GLY A 83 10.73 0.12 0.37
N VAL A 84 9.68 0.24 -0.43
CA VAL A 84 9.79 0.28 -1.88
C VAL A 84 10.35 1.61 -2.37
N ALA A 85 9.79 2.71 -1.86
CA ALA A 85 10.16 4.07 -2.27
C ALA A 85 10.91 4.77 -1.12
N LYS A 86 12.22 4.57 -1.07
CA LYS A 86 13.01 4.85 0.12
C LYS A 86 13.26 6.32 0.37
N LYS A 87 12.83 7.20 -0.55
CA LYS A 87 13.01 8.63 -0.38
C LYS A 87 11.69 9.38 -0.46
N THR A 88 10.55 8.68 -0.45
CA THR A 88 9.27 9.38 -0.45
C THR A 88 9.01 10.07 0.88
N GLN A 89 8.07 11.01 0.86
CA GLN A 89 7.54 11.63 2.07
C GLN A 89 6.31 10.87 2.51
N LEU A 90 6.24 10.50 3.77
CA LEU A 90 5.15 9.73 4.32
C LEU A 90 4.30 10.60 5.25
N PHE A 91 2.99 10.54 5.06
CA PHE A 91 2.05 11.30 5.87
C PHE A 91 1.05 10.34 6.50
N GLY A 92 0.94 10.37 7.83
CA GLY A 92 0.04 9.48 8.52
C GLY A 92 -1.30 10.14 8.83
N VAL A 93 -2.37 9.40 8.54
CA VAL A 93 -3.72 9.80 8.84
C VAL A 93 -4.34 8.67 9.66
N LYS A 94 -4.57 8.95 10.94
CA LYS A 94 -5.02 7.91 11.88
C LYS A 94 -6.53 7.86 11.91
N VAL A 95 -7.07 7.02 11.03
CA VAL A 95 -8.50 6.70 11.00
C VAL A 95 -8.87 5.45 11.77
N LEU A 96 -7.87 4.64 12.12
CA LEU A 96 -8.08 3.41 12.87
C LEU A 96 -7.55 3.59 14.28
N ASP A 97 -8.32 3.10 15.24
CA ASP A 97 -7.89 3.16 16.62
C ASP A 97 -6.79 2.15 16.90
N ASP A 98 -6.35 2.09 18.14
CA ASP A 98 -5.19 1.25 18.47
C ASP A 98 -5.53 -0.22 18.51
N ASN A 99 -6.82 -0.55 18.40
CA ASN A 99 -7.23 -1.93 18.17
C ASN A 99 -7.35 -2.28 16.69
N GLY A 100 -7.05 -1.31 15.83
CA GLY A 100 -7.01 -1.53 14.41
C GLY A 100 -8.36 -1.35 13.75
N SER A 101 -9.33 -0.79 14.48
CA SER A 101 -10.72 -0.62 14.02
C SER A 101 -11.06 0.85 13.79
N GLY A 102 -12.00 1.14 12.90
CA GLY A 102 -12.50 2.49 12.74
C GLY A 102 -13.88 2.47 12.11
N GLN A 103 -14.72 3.42 12.47
CA GLN A 103 -16.02 3.58 11.85
C GLN A 103 -15.85 4.05 10.42
N TYR A 104 -16.75 3.61 9.56
CA TYR A 104 -16.73 4.07 8.20
C TYR A 104 -16.83 5.59 8.10
N SER A 105 -17.57 6.23 8.98
CA SER A 105 -17.66 7.69 8.92
C SER A 105 -16.29 8.32 9.08
N THR A 106 -15.48 7.77 9.98
CA THR A 106 -14.14 8.28 10.22
C THR A 106 -13.23 8.02 9.02
N ILE A 107 -13.32 6.83 8.47
CA ILE A 107 -12.53 6.44 7.32
C ILE A 107 -12.83 7.34 6.12
N ILE A 108 -14.11 7.63 5.91
CA ILE A 108 -14.52 8.55 4.85
C ILE A 108 -13.94 9.93 5.09
N ALA A 109 -14.07 10.44 6.30
CA ALA A 109 -13.53 11.75 6.60
C ALA A 109 -12.03 11.78 6.33
N GLY A 110 -11.31 10.71 6.66
CA GLY A 110 -9.88 10.65 6.42
C GLY A 110 -9.53 10.69 4.95
N MET A 111 -10.33 10.01 4.11
CA MET A 111 -10.09 10.09 2.67
C MET A 111 -10.32 11.50 2.15
N ASP A 112 -11.43 12.12 2.54
CA ASP A 112 -11.66 13.49 2.09
C ASP A 112 -10.60 14.43 2.65
N PHE A 113 -10.09 14.14 3.83
CA PHE A 113 -9.00 14.91 4.39
C PHE A 113 -7.78 14.87 3.48
N VAL A 114 -7.39 13.67 3.02
CA VAL A 114 -6.22 13.57 2.16
C VAL A 114 -6.43 14.31 0.85
N ALA A 115 -7.64 14.22 0.28
CA ALA A 115 -7.90 14.88 -0.98
C ALA A 115 -7.65 16.39 -0.87
N SER A 116 -7.98 16.99 0.26
CA SER A 116 -7.70 18.40 0.48
C SER A 116 -6.27 18.65 0.94
N ASP A 117 -5.81 17.85 1.89
CA ASP A 117 -4.54 18.10 2.55
C ASP A 117 -3.37 18.05 1.60
N LYS A 118 -3.49 17.30 0.51
CA LYS A 118 -2.36 17.26 -0.43
C LYS A 118 -2.05 18.66 -0.94
N ASN A 119 -3.04 19.55 -0.96
CA ASN A 119 -2.81 20.92 -1.40
C ASN A 119 -2.02 21.75 -0.40
N ASN A 120 -1.77 21.19 0.79
CA ASN A 120 -0.93 21.79 1.81
C ASN A 120 0.48 21.23 1.85
N ARG A 121 0.80 20.31 0.95
CA ARG A 121 2.05 19.57 0.98
C ARG A 121 2.78 19.75 -0.33
N ASN A 122 4.09 19.54 -0.28
CA ASN A 122 4.94 19.64 -1.45
C ASN A 122 5.26 18.26 -2.00
N CYS A 123 4.60 17.95 -3.11
CA CYS A 123 4.64 16.63 -3.72
C CYS A 123 4.75 16.80 -5.23
N PRO A 124 5.84 17.40 -5.71
CA PRO A 124 5.92 17.74 -7.14
C PRO A 124 5.85 16.52 -8.06
N LYS A 125 6.21 15.34 -7.58
CA LYS A 125 6.16 14.13 -8.38
C LYS A 125 4.83 13.38 -8.22
N GLY A 126 3.95 13.84 -7.36
CA GLY A 126 2.63 13.29 -7.22
C GLY A 126 2.38 12.67 -5.86
N VAL A 127 1.12 12.27 -5.70
CA VAL A 127 0.54 11.88 -4.43
C VAL A 127 -0.13 10.53 -4.55
N VAL A 128 0.10 9.71 -3.55
CA VAL A 128 -0.44 8.35 -3.42
C VAL A 128 -1.10 8.24 -2.06
N ALA A 129 -2.14 7.41 -1.97
CA ALA A 129 -2.74 7.06 -0.69
C ALA A 129 -2.84 5.55 -0.61
N SER A 130 -2.43 5.01 0.54
CA SER A 130 -2.42 3.59 0.81
C SER A 130 -3.43 3.30 1.91
N LEU A 131 -4.41 2.45 1.58
CA LEU A 131 -5.52 2.11 2.46
C LEU A 131 -5.55 0.61 2.72
N SER A 132 -4.80 0.22 3.74
CA SER A 132 -4.74 -1.16 4.19
C SER A 132 -5.84 -1.40 5.22
N LEU A 133 -7.08 -1.33 4.75
CA LEU A 133 -8.23 -1.39 5.61
C LEU A 133 -9.44 -1.73 4.77
N GLY A 134 -10.51 -2.07 5.44
CA GLY A 134 -11.80 -2.20 4.80
C GLY A 134 -12.74 -3.01 5.64
N GLY A 135 -13.95 -3.10 5.14
CA GLY A 135 -15.03 -3.84 5.77
C GLY A 135 -16.01 -4.26 4.69
N GLY A 136 -17.25 -4.45 5.09
CA GLY A 136 -18.29 -4.87 4.16
C GLY A 136 -18.64 -3.78 3.17
N TYR A 137 -19.32 -4.17 2.10
CA TYR A 137 -19.65 -3.24 1.04
C TYR A 137 -20.37 -2.01 1.59
N SER A 138 -19.91 -0.85 1.14
CA SER A 138 -20.52 0.43 1.46
C SER A 138 -20.37 1.35 0.25
N SER A 139 -21.48 1.79 -0.31
CA SER A 139 -21.39 2.73 -1.41
C SER A 139 -20.76 4.05 -0.97
N SER A 140 -20.98 4.45 0.28
CA SER A 140 -20.39 5.71 0.75
C SER A 140 -18.87 5.61 0.89
N VAL A 141 -18.37 4.47 1.38
CA VAL A 141 -16.93 4.27 1.47
C VAL A 141 -16.33 4.22 0.08
N ASN A 142 -16.98 3.51 -0.84
CA ASN A 142 -16.46 3.45 -2.21
C ASN A 142 -16.44 4.83 -2.84
N SER A 143 -17.49 5.61 -2.62
CA SER A 143 -17.56 6.93 -3.20
C SER A 143 -16.46 7.82 -2.67
N ALA A 144 -16.13 7.70 -1.39
CA ALA A 144 -15.03 8.46 -0.82
C ALA A 144 -13.72 8.09 -1.49
N ALA A 145 -13.50 6.80 -1.72
CA ALA A 145 -12.28 6.35 -2.37
C ALA A 145 -12.23 6.86 -3.82
N ALA A 146 -13.38 6.83 -4.48
CA ALA A 146 -13.48 7.35 -5.83
C ALA A 146 -13.17 8.85 -5.87
N ARG A 147 -13.66 9.61 -4.90
CA ARG A 147 -13.36 11.05 -4.88
C ARG A 147 -11.87 11.27 -4.69
N LEU A 148 -11.27 10.52 -3.78
CA LEU A 148 -9.87 10.70 -3.49
C LEU A 148 -9.05 10.49 -4.76
N GLN A 149 -9.38 9.42 -5.49
CA GLN A 149 -8.72 9.13 -6.75
C GLN A 149 -8.95 10.23 -7.78
N SER A 150 -10.21 10.63 -7.95
CA SER A 150 -10.59 11.69 -8.87
C SER A 150 -9.84 12.99 -8.60
N SER A 151 -9.56 13.25 -7.33
CA SER A 151 -8.89 14.47 -6.92
C SER A 151 -7.41 14.53 -7.32
N GLY A 152 -6.87 13.44 -7.85
CA GLY A 152 -5.49 13.42 -8.30
C GLY A 152 -4.56 12.63 -7.41
N VAL A 153 -5.08 11.68 -6.65
CA VAL A 153 -4.28 10.84 -5.78
C VAL A 153 -4.33 9.41 -6.32
N MET A 154 -3.20 8.75 -6.39
CA MET A 154 -3.18 7.33 -6.73
C MET A 154 -3.62 6.56 -5.50
N VAL A 155 -4.83 6.01 -5.52
CA VAL A 155 -5.36 5.29 -4.37
C VAL A 155 -5.15 3.79 -4.55
N ALA A 156 -4.46 3.18 -3.57
CA ALA A 156 -4.25 1.75 -3.51
C ALA A 156 -4.97 1.22 -2.26
N VAL A 157 -5.79 0.20 -2.44
CA VAL A 157 -6.57 -0.35 -1.36
C VAL A 157 -6.40 -1.85 -1.26
N ALA A 158 -6.51 -2.37 -0.05
CA ALA A 158 -6.41 -3.80 0.16
C ALA A 158 -7.63 -4.52 -0.39
N ALA A 159 -7.41 -5.68 -0.99
CA ALA A 159 -8.54 -6.48 -1.48
C ALA A 159 -9.35 -7.08 -0.34
N GLY A 160 -8.70 -7.34 0.80
CA GLY A 160 -9.30 -8.00 1.93
C GLY A 160 -8.81 -9.44 2.08
N ASN A 161 -9.02 -9.97 3.28
CA ASN A 161 -8.40 -11.20 3.73
C ASN A 161 -9.42 -12.31 4.01
N ASN A 162 -10.44 -12.39 3.17
CA ASN A 162 -11.59 -13.26 3.36
C ASN A 162 -11.57 -14.50 2.46
N ASN A 163 -10.52 -14.66 1.65
CA ASN A 163 -10.48 -15.70 0.61
C ASN A 163 -11.82 -15.74 -0.14
N ALA A 164 -12.27 -14.57 -0.55
CA ALA A 164 -13.57 -14.40 -1.15
C ALA A 164 -13.52 -13.34 -2.24
N ASP A 165 -14.61 -13.19 -2.96
CA ASP A 165 -14.68 -12.15 -3.99
C ASP A 165 -14.73 -10.78 -3.32
N ALA A 166 -13.81 -9.92 -3.74
CA ALA A 166 -13.68 -8.57 -3.21
C ALA A 166 -14.86 -7.68 -3.54
N ARG A 167 -15.76 -8.13 -4.41
CA ARG A 167 -16.94 -7.34 -4.74
C ARG A 167 -17.76 -6.97 -3.51
N ASN A 168 -17.66 -7.75 -2.44
CA ASN A 168 -18.50 -7.55 -1.26
C ASN A 168 -17.81 -6.79 -0.15
N TYR A 169 -16.71 -6.11 -0.47
CA TYR A 169 -15.94 -5.41 0.53
C TYR A 169 -15.61 -4.01 0.03
N SER A 170 -15.41 -3.09 0.96
CA SER A 170 -15.09 -1.70 0.62
C SER A 170 -13.92 -1.21 1.46
N PRO A 171 -13.08 -0.35 0.92
CA PRO A 171 -13.13 0.19 -0.44
C PRO A 171 -12.62 -0.71 -1.56
N ALA A 172 -12.33 -1.98 -1.26
CA ALA A 172 -11.83 -2.90 -2.27
C ALA A 172 -12.65 -2.89 -3.56
N SER A 173 -13.97 -2.85 -3.42
CA SER A 173 -14.85 -2.99 -4.56
C SER A 173 -15.05 -1.73 -5.38
N GLU A 174 -14.46 -0.60 -4.99
CA GLU A 174 -14.59 0.61 -5.79
C GLU A 174 -13.78 0.43 -7.07
N PRO A 175 -14.42 0.46 -8.24
CA PRO A 175 -13.66 0.14 -9.46
C PRO A 175 -12.51 1.08 -9.76
N SER A 176 -12.64 2.36 -9.43
CA SER A 176 -11.72 3.36 -9.95
C SER A 176 -10.39 3.46 -9.20
N VAL A 177 -10.26 2.76 -8.08
CA VAL A 177 -9.01 2.74 -7.33
C VAL A 177 -8.23 1.48 -7.70
N CYS A 178 -7.07 1.28 -7.07
CA CYS A 178 -6.21 0.15 -7.38
C CYS A 178 -6.35 -0.87 -6.27
N THR A 179 -7.06 -1.95 -6.56
CA THR A 179 -7.37 -2.97 -5.58
C THR A 179 -6.33 -4.08 -5.62
N VAL A 180 -5.71 -4.34 -4.47
CA VAL A 180 -4.48 -5.11 -4.38
C VAL A 180 -4.68 -6.41 -3.62
N GLY A 181 -4.45 -7.53 -4.30
CA GLY A 181 -4.41 -8.84 -3.66
C GLY A 181 -3.00 -9.17 -3.19
N ALA A 182 -2.89 -10.28 -2.44
CA ALA A 182 -1.63 -10.69 -1.83
C ALA A 182 -1.10 -11.99 -2.39
N SER A 183 0.22 -12.07 -2.53
CA SER A 183 0.93 -13.28 -2.88
C SER A 183 1.97 -13.64 -1.84
N ASP A 184 2.46 -14.88 -1.94
CA ASP A 184 3.54 -15.36 -1.10
C ASP A 184 4.84 -15.54 -1.87
N ARG A 185 5.89 -15.91 -1.13
CA ARG A 185 7.23 -15.92 -1.68
C ARG A 185 7.45 -17.00 -2.73
N TYR A 186 6.51 -17.94 -2.82
CA TYR A 186 6.53 -18.97 -3.83
C TYR A 186 5.55 -18.67 -4.96
N ASP A 187 5.12 -17.41 -5.07
CA ASP A 187 4.23 -16.98 -6.12
C ASP A 187 2.88 -17.67 -6.08
N ARG A 188 2.44 -18.06 -4.90
CA ARG A 188 1.07 -18.48 -4.71
C ARG A 188 0.23 -17.29 -4.33
N ARG A 189 -1.03 -17.28 -4.74
CA ARG A 189 -1.99 -16.37 -4.11
C ARG A 189 -1.97 -16.66 -2.61
N SER A 190 -1.85 -15.62 -1.80
CA SER A 190 -1.86 -15.82 -0.36
C SER A 190 -3.18 -16.49 0.02
N SER A 191 -3.13 -17.38 1.00
CA SER A 191 -4.28 -18.23 1.30
C SER A 191 -5.55 -17.45 1.63
N PHE A 192 -5.35 -16.33 2.31
CA PHE A 192 -6.42 -15.45 2.74
C PHE A 192 -6.82 -14.40 1.71
N SER A 193 -6.06 -14.24 0.64
CA SER A 193 -6.32 -13.08 -0.22
C SER A 193 -7.67 -13.16 -0.90
N ASN A 194 -8.41 -12.07 -0.87
CA ASN A 194 -9.55 -11.95 -1.76
C ASN A 194 -9.10 -11.93 -3.22
N TYR A 195 -10.09 -12.12 -4.07
CA TYR A 195 -9.90 -12.23 -5.51
C TYR A 195 -11.12 -11.65 -6.20
N GLY A 196 -11.22 -11.82 -7.51
CA GLY A 196 -12.37 -11.37 -8.26
C GLY A 196 -11.99 -10.38 -9.33
N SER A 197 -12.99 -10.05 -10.15
CA SER A 197 -12.84 -9.15 -11.27
C SER A 197 -12.33 -7.76 -10.90
N VAL A 198 -12.62 -7.31 -9.68
CA VAL A 198 -12.26 -5.95 -9.28
C VAL A 198 -10.79 -5.84 -8.94
N LEU A 199 -10.10 -6.94 -8.65
CA LEU A 199 -8.67 -6.83 -8.39
C LEU A 199 -7.96 -6.25 -9.60
N ASP A 200 -7.03 -5.33 -9.34
CA ASP A 200 -6.18 -4.78 -10.38
C ASP A 200 -4.82 -5.45 -10.46
N ILE A 201 -4.33 -5.94 -9.33
CA ILE A 201 -2.91 -6.29 -9.20
C ILE A 201 -2.75 -7.09 -7.92
N PHE A 202 -1.68 -7.90 -7.87
CA PHE A 202 -1.22 -8.55 -6.66
C PHE A 202 0.13 -7.97 -6.25
N GLY A 203 0.39 -7.97 -4.96
CA GLY A 203 1.70 -7.67 -4.44
C GLY A 203 2.04 -8.61 -3.30
N PRO A 204 3.32 -8.62 -2.89
CA PRO A 204 3.73 -9.47 -1.77
C PRO A 204 2.95 -9.18 -0.50
N GLY A 205 2.38 -10.22 0.09
CA GLY A 205 1.59 -10.06 1.29
C GLY A 205 1.74 -11.08 2.38
N THR A 206 2.41 -12.20 2.13
CA THR A 206 2.63 -13.21 3.16
C THR A 206 4.03 -13.09 3.71
N ASP A 207 4.14 -12.97 5.03
CA ASP A 207 5.42 -12.94 5.73
C ASP A 207 6.29 -11.76 5.29
N ILE A 208 5.76 -10.56 5.53
CA ILE A 208 6.38 -9.31 5.11
C ILE A 208 7.02 -8.62 6.31
N LEU A 209 8.33 -8.50 6.26
CA LEU A 209 9.12 -7.82 7.29
C LEU A 209 9.06 -6.31 7.06
N SER A 210 8.73 -5.58 8.12
CA SER A 210 8.71 -4.14 8.09
C SER A 210 8.85 -3.58 9.50
N THR A 211 8.78 -2.26 9.60
CA THR A 211 8.80 -1.56 10.85
C THR A 211 7.62 -1.88 11.75
N TRP A 212 7.85 -1.71 13.04
CA TRP A 212 6.82 -1.82 14.05
C TRP A 212 7.06 -0.76 15.12
N ILE A 213 6.06 -0.55 15.95
CA ILE A 213 6.16 0.42 17.03
C ILE A 213 7.20 0.01 18.08
N GLY A 214 7.59 0.99 18.87
CA GLY A 214 8.71 0.81 19.77
C GLY A 214 10.04 0.67 19.05
N GLY A 215 10.14 1.25 17.86
CA GLY A 215 11.39 1.26 17.15
C GLY A 215 11.84 -0.14 16.73
N SER A 216 10.89 -1.01 16.45
CA SER A 216 11.16 -2.42 16.23
C SER A 216 10.82 -2.83 14.80
N THR A 217 10.83 -4.13 14.55
CA THR A 217 10.43 -4.70 13.28
C THR A 217 9.71 -6.02 13.54
N ARG A 218 8.88 -6.43 12.59
CA ARG A 218 8.30 -7.76 12.62
C ARG A 218 7.76 -8.10 11.25
N SER A 219 7.51 -9.39 11.09
CA SER A 219 6.90 -9.91 9.88
C SER A 219 5.45 -10.25 10.19
N ILE A 220 4.54 -9.74 9.34
CA ILE A 220 3.12 -10.07 9.39
C ILE A 220 2.60 -10.27 7.98
N SER A 221 1.37 -10.75 7.87
CA SER A 221 0.78 -11.12 6.60
C SER A 221 -0.59 -10.48 6.41
N GLY A 222 -0.91 -10.18 5.17
CA GLY A 222 -2.24 -9.69 4.84
C GLY A 222 -2.24 -8.97 3.51
N THR A 223 -3.43 -8.74 2.96
CA THR A 223 -3.54 -7.79 1.87
C THR A 223 -3.17 -6.37 2.32
N SER A 224 -3.19 -6.13 3.63
CA SER A 224 -2.65 -4.88 4.16
C SER A 224 -1.16 -4.70 3.86
N MET A 225 -0.42 -5.79 3.71
CA MET A 225 1.00 -5.75 3.46
C MET A 225 1.27 -5.61 1.96
N ALA A 226 0.38 -6.17 1.12
CA ALA A 226 0.53 -6.08 -0.33
C ALA A 226 0.27 -4.66 -0.81
N THR A 227 -0.75 -4.03 -0.24
CA THR A 227 -1.18 -2.70 -0.64
C THR A 227 -0.04 -1.68 -0.63
N PRO A 228 0.73 -1.55 0.45
CA PRO A 228 1.81 -0.56 0.46
C PRO A 228 2.94 -0.89 -0.49
N HIS A 229 3.13 -2.15 -0.90
CA HIS A 229 4.10 -2.41 -1.96
C HIS A 229 3.67 -1.68 -3.24
N VAL A 230 2.38 -1.79 -3.56
CA VAL A 230 1.84 -1.13 -4.74
C VAL A 230 1.84 0.39 -4.60
N ALA A 231 1.47 0.90 -3.43
CA ALA A 231 1.50 2.34 -3.20
C ALA A 231 2.92 2.88 -3.37
N GLY A 232 3.90 2.21 -2.75
CA GLY A 232 5.27 2.62 -2.89
C GLY A 232 5.76 2.52 -4.32
N LEU A 233 5.36 1.45 -5.02
CA LEU A 233 5.73 1.30 -6.42
C LEU A 233 5.19 2.46 -7.26
N ALA A 234 3.94 2.84 -7.02
CA ALA A 234 3.35 3.96 -7.72
C ALA A 234 4.16 5.22 -7.48
N ALA A 235 4.50 5.50 -6.23
CA ALA A 235 5.25 6.70 -5.92
C ALA A 235 6.59 6.69 -6.65
N TYR A 236 7.26 5.56 -6.62
CA TYR A 236 8.53 5.37 -7.30
C TYR A 236 8.41 5.63 -8.80
N LEU A 237 7.37 5.08 -9.44
CA LEU A 237 7.18 5.24 -10.88
C LEU A 237 6.79 6.69 -11.25
N MET A 238 6.02 7.32 -10.37
CA MET A 238 5.63 8.71 -10.58
C MET A 238 6.86 9.61 -10.49
N THR A 239 7.73 9.38 -9.52
CA THR A 239 8.98 10.13 -9.46
C THR A 239 9.81 9.97 -10.73
N LEU A 240 9.83 8.77 -11.29
CA LEU A 240 10.54 8.53 -12.55
C LEU A 240 9.87 9.17 -13.76
N GLY A 241 8.64 9.62 -13.61
CA GLY A 241 7.91 10.21 -14.72
C GLY A 241 7.29 9.20 -15.63
N LYS A 242 7.26 7.94 -15.24
CA LYS A 242 6.74 6.89 -16.11
C LYS A 242 5.23 6.86 -16.16
N THR A 243 4.59 7.39 -15.13
CA THR A 243 3.14 7.40 -15.05
C THR A 243 2.68 8.54 -14.14
N THR A 244 1.38 8.64 -13.94
CA THR A 244 0.76 9.71 -13.19
C THR A 244 -0.21 9.10 -12.18
N ALA A 245 -0.74 9.89 -11.27
CA ALA A 245 -1.68 9.35 -10.29
C ALA A 245 -2.91 8.75 -10.94
N ALA A 246 -3.39 9.36 -12.03
CA ALA A 246 -4.58 8.89 -12.70
C ALA A 246 -4.36 7.57 -13.40
N SER A 247 -3.13 7.34 -13.85
CA SER A 247 -2.84 6.22 -14.74
C SER A 247 -1.98 5.14 -14.11
N ALA A 248 -1.52 5.33 -12.88
CA ALA A 248 -0.50 4.45 -12.32
C ALA A 248 -0.98 3.02 -12.11
N CYS A 249 -2.23 2.84 -11.70
CA CYS A 249 -2.71 1.47 -11.50
C CYS A 249 -2.69 0.72 -12.82
N ARG A 250 -3.19 1.36 -13.87
CA ARG A 250 -3.19 0.75 -15.19
C ARG A 250 -1.78 0.48 -15.67
N TYR A 251 -0.87 1.42 -15.42
CA TYR A 251 0.52 1.25 -15.82
C TYR A 251 1.16 0.06 -15.10
N ILE A 252 0.91 -0.03 -13.79
CA ILE A 252 1.41 -1.14 -13.00
C ILE A 252 0.85 -2.46 -13.54
N ALA A 253 -0.43 -2.51 -13.86
CA ALA A 253 -0.98 -3.72 -14.47
C ALA A 253 -0.35 -4.01 -15.83
N ASP A 254 -0.15 -2.98 -16.65
CA ASP A 254 0.45 -3.16 -17.98
C ASP A 254 1.83 -3.79 -17.89
N THR A 255 2.60 -3.38 -16.88
CA THR A 255 4.01 -3.70 -16.76
C THR A 255 4.27 -4.81 -15.75
N ALA A 256 3.21 -5.39 -15.22
CA ALA A 256 3.32 -6.44 -14.20
C ALA A 256 3.94 -7.72 -14.78
N ASN A 257 4.47 -8.55 -13.88
CA ASN A 257 4.74 -9.93 -14.25
C ASN A 257 3.40 -10.64 -14.45
N LYS A 258 3.24 -11.26 -15.61
CA LYS A 258 1.99 -11.90 -15.99
C LYS A 258 2.08 -13.41 -15.92
N GLY A 259 1.06 -14.03 -15.33
CA GLY A 259 0.97 -15.48 -15.33
C GLY A 259 1.87 -16.21 -14.36
N ASP A 260 2.52 -15.49 -13.45
CA ASP A 260 3.47 -16.09 -12.51
C ASP A 260 2.80 -16.72 -11.30
N LEU A 261 1.58 -16.31 -10.95
CA LEU A 261 0.98 -16.71 -9.70
C LEU A 261 0.15 -17.99 -9.85
N SER A 262 0.11 -18.78 -8.80
CA SER A 262 -0.73 -19.97 -8.74
C SER A 262 -1.96 -19.74 -7.86
N ASN A 263 -2.97 -20.57 -8.09
CA ASN A 263 -4.24 -20.52 -7.39
C ASN A 263 -4.94 -19.18 -7.57
N ILE A 264 -4.81 -18.62 -8.75
CA ILE A 264 -5.59 -17.46 -9.13
C ILE A 264 -6.86 -17.97 -9.80
N PRO A 265 -8.04 -17.72 -9.24
CA PRO A 265 -9.25 -18.25 -9.86
C PRO A 265 -9.50 -17.59 -11.20
N PHE A 266 -10.07 -18.35 -12.09
CA PHE A 266 -10.40 -17.84 -13.40
C PHE A 266 -11.25 -16.56 -13.22
N GLY A 267 -10.93 -15.51 -13.97
CA GLY A 267 -11.64 -14.24 -13.89
C GLY A 267 -10.96 -13.20 -13.00
N THR A 268 -9.89 -13.61 -12.33
CA THR A 268 -9.05 -12.71 -11.55
C THR A 268 -7.75 -12.50 -12.30
N VAL A 269 -7.25 -11.28 -12.34
CA VAL A 269 -5.98 -11.03 -13.01
C VAL A 269 -4.85 -11.84 -12.38
N ASN A 270 -3.95 -12.32 -13.25
CA ASN A 270 -2.73 -12.96 -12.81
C ASN A 270 -1.57 -12.02 -13.10
N LEU A 271 -1.48 -10.98 -12.28
CA LEU A 271 -0.58 -9.86 -12.47
C LEU A 271 0.07 -9.55 -11.13
N LEU A 272 1.39 -9.53 -11.12
CA LEU A 272 2.20 -9.29 -9.93
C LEU A 272 3.03 -8.03 -10.13
N ALA A 273 2.88 -7.08 -9.21
CA ALA A 273 3.53 -5.78 -9.31
C ALA A 273 5.03 -5.94 -9.53
N TYR A 274 5.54 -5.14 -10.47
CA TYR A 274 6.92 -5.27 -10.94
C TYR A 274 7.41 -3.91 -11.38
N ASN A 275 8.61 -3.52 -10.93
CA ASN A 275 9.13 -2.20 -11.24
C ASN A 275 9.82 -2.10 -12.59
N ASN A 276 10.06 -3.22 -13.26
CA ASN A 276 10.78 -3.24 -14.53
C ASN A 276 12.04 -2.39 -14.52
N TYR A 277 12.76 -2.42 -13.40
CA TYR A 277 13.99 -1.65 -13.31
C TYR A 277 15.11 -2.44 -13.98
N GLN A 278 15.70 -1.83 -14.99
CA GLN A 278 16.86 -2.38 -15.68
C GLN A 278 18.04 -1.43 -15.47
N ALA A 279 19.05 -1.88 -14.74
CA ALA A 279 20.30 -1.14 -14.61
C ALA A 279 21.03 -1.19 -15.95
N PRO B 1 -17.23 -2.48 9.27
CA PRO B 1 -16.34 -1.31 9.53
C PRO B 1 -14.88 -1.72 9.68
N ALA B 2 -14.00 -0.72 9.71
CA ALA B 2 -12.62 -0.90 10.15
C ALA B 2 -11.71 -1.51 9.07
N PRO B 3 -10.55 -2.07 9.48
CA PRO B 3 -9.50 -2.54 8.57
C PRO B 3 -9.33 -4.06 8.43
N PHE B 4 -8.06 -4.43 8.16
CA PHE B 4 -7.62 -5.83 8.10
C PHE B 4 -6.45 -6.06 9.06
N ALA B 5 -6.79 -6.45 10.29
CA ALA B 5 -5.82 -6.73 11.29
C ALA B 5 -4.82 -5.79 11.83
N SER B 6 -5.09 -5.28 13.04
CA SER B 6 -4.08 -4.64 13.88
C SER B 6 -2.85 -5.55 13.97
N ALA B 7 -2.24 -5.72 12.79
CA ALA B 7 -1.57 -6.97 12.43
C ALA B 7 -0.24 -7.18 13.17
#